data_1M4Y
#
_entry.id   1M4Y
#
_cell.length_a   77.533
_cell.length_b   93.748
_cell.length_c   146.167
_cell.angle_alpha   90.00
_cell.angle_beta   90.00
_cell.angle_gamma   90.00
#
_symmetry.space_group_name_H-M   'I 2 2 2'
#
loop_
_entity.id
_entity.type
_entity.pdbx_description
1 polymer 'ATP-dependent protease hslV'
2 non-polymer 'SODIUM ION'
3 water water
#
_entity_poly.entity_id   1
_entity_poly.type   'polypeptide(L)'
_entity_poly.pdbx_seq_one_letter_code
;TTILVVRRNGQTVMGGDGQVTFGSTVLKGNARKVRKLGEGKVLAGFAGSVADAMTLFDRFEAKLREWGGNLTKAAVELAK
DWRTDRVLRRLEALLLVADKENIFIISGNGEVIQPDDDAAAIGSGGPYALAAAKALLRNTDLSAREIVEKAMTIAGEICI
YTNQNIVIEEV
;
_entity_poly.pdbx_strand_id   A,B,C
#
# COMPACT_ATOMS: atom_id res chain seq x y z
N THR A 1 -4.57 20.26 -6.21
CA THR A 1 -3.28 20.83 -6.67
C THR A 1 -3.48 21.91 -7.73
N THR A 2 -2.65 22.96 -7.68
CA THR A 2 -2.69 24.02 -8.67
C THR A 2 -1.26 24.42 -9.03
N ILE A 3 -0.97 24.44 -10.33
CA ILE A 3 0.33 24.87 -10.84
C ILE A 3 -0.04 25.97 -11.83
N LEU A 4 0.55 27.13 -11.69
CA LEU A 4 0.24 28.26 -12.57
C LEU A 4 1.48 28.95 -13.12
N VAL A 5 1.44 29.27 -14.42
CA VAL A 5 2.53 29.99 -15.04
C VAL A 5 1.96 31.23 -15.67
N VAL A 6 2.64 32.35 -15.45
CA VAL A 6 2.24 33.64 -16.01
C VAL A 6 3.47 34.32 -16.57
N ARG A 7 3.33 34.88 -17.76
CA ARG A 7 4.41 35.61 -18.40
C ARG A 7 3.93 37.01 -18.66
N ARG A 8 4.71 37.99 -18.24
CA ARG A 8 4.36 39.38 -18.48
C ARG A 8 5.63 40.19 -18.61
N ASN A 9 5.77 40.86 -19.76
CA ASN A 9 6.91 41.69 -20.05
C ASN A 9 8.26 40.98 -19.89
N GLY A 10 8.41 39.87 -20.60
CA GLY A 10 9.64 39.11 -20.55
C GLY A 10 9.88 38.27 -19.31
N GLN A 11 9.09 38.48 -18.27
CA GLN A 11 9.27 37.70 -17.04
C GLN A 11 8.26 36.54 -16.99
N THR A 12 8.78 35.34 -16.72
CA THR A 12 7.96 34.14 -16.63
C THR A 12 8.04 33.60 -15.20
N VAL A 13 6.89 33.47 -14.56
CA VAL A 13 6.86 32.99 -13.18
C VAL A 13 5.95 31.78 -13.02
N MET A 14 6.41 30.79 -12.27
CA MET A 14 5.62 29.60 -12.02
C MET A 14 5.42 29.42 -10.52
N GLY A 15 4.19 29.12 -10.13
CA GLY A 15 3.86 28.90 -8.74
C GLY A 15 3.09 27.60 -8.58
N GLY A 16 3.26 26.94 -7.45
CA GLY A 16 2.56 25.69 -7.17
C GLY A 16 2.25 25.63 -5.69
N ASP A 17 1.12 25.04 -5.32
CA ASP A 17 0.73 24.94 -3.91
C ASP A 17 1.45 23.77 -3.26
N GLY A 18 1.19 23.52 -1.97
CA GLY A 18 1.88 22.42 -1.32
C GLY A 18 1.02 21.32 -0.71
N GLN A 19 -0.28 21.33 -1.00
CA GLN A 19 -1.16 20.32 -0.42
C GLN A 19 -1.11 18.95 -1.09
N VAL A 20 -0.95 17.91 -0.29
CA VAL A 20 -0.93 16.53 -0.78
C VAL A 20 -2.13 15.82 -0.16
N THR A 21 -3.05 15.37 -1.01
CA THR A 21 -4.27 14.71 -0.54
C THR A 21 -4.38 13.24 -0.90
N PHE A 22 -4.82 12.45 0.07
CA PHE A 22 -5.03 11.02 -0.09
C PHE A 22 -6.49 10.82 0.30
N GLY A 23 -7.33 10.52 -0.67
CA GLY A 23 -8.74 10.36 -0.37
C GLY A 23 -9.28 11.72 0.00
N SER A 24 -9.66 11.88 1.26
CA SER A 24 -10.19 13.16 1.71
C SER A 24 -9.41 13.73 2.90
N THR A 25 -8.17 13.30 3.06
CA THR A 25 -7.35 13.81 4.15
C THR A 25 -6.06 14.41 3.61
N VAL A 26 -5.65 15.53 4.19
CA VAL A 26 -4.41 16.18 3.79
C VAL A 26 -3.27 15.49 4.53
N LEU A 27 -2.29 14.99 3.79
CA LEU A 27 -1.15 14.29 4.40
C LEU A 27 0.08 15.18 4.60
N LYS A 28 0.18 16.24 3.77
CA LYS A 28 1.30 17.17 3.81
C LYS A 28 0.78 18.49 3.25
N GLY A 29 1.28 19.59 3.78
CA GLY A 29 0.83 20.89 3.30
C GLY A 29 1.91 21.79 2.75
N ASN A 30 3.16 21.32 2.75
CA ASN A 30 4.27 22.12 2.26
C ASN A 30 5.07 21.44 1.14
N ALA A 31 4.37 20.74 0.23
CA ALA A 31 5.05 20.06 -0.86
C ALA A 31 5.65 21.06 -1.87
N ARG A 32 6.71 20.64 -2.54
CA ARG A 32 7.35 21.45 -3.56
C ARG A 32 6.99 20.80 -4.90
N LYS A 33 6.08 21.42 -5.64
CA LYS A 33 5.62 20.88 -6.91
C LYS A 33 6.23 21.63 -8.11
N VAL A 34 7.18 22.51 -7.84
CA VAL A 34 7.83 23.30 -8.88
C VAL A 34 9.35 23.27 -8.73
N ARG A 35 10.04 23.22 -9.87
CA ARG A 35 11.50 23.15 -9.90
C ARG A 35 12.04 23.83 -11.16
N LYS A 36 13.37 23.90 -11.25
CA LYS A 36 14.03 24.46 -12.42
C LYS A 36 14.82 23.35 -13.11
N LEU A 37 14.70 23.27 -14.42
CA LEU A 37 15.40 22.26 -15.22
C LEU A 37 16.21 22.94 -16.30
N GLY A 38 16.98 22.15 -17.03
CA GLY A 38 17.78 22.68 -18.12
C GLY A 38 18.71 23.82 -17.72
N GLU A 39 19.54 23.55 -16.72
CA GLU A 39 20.51 24.54 -16.26
C GLU A 39 19.89 25.85 -15.79
N GLY A 40 18.73 25.76 -15.13
CA GLY A 40 18.06 26.94 -14.63
C GLY A 40 17.30 27.81 -15.62
N LYS A 41 17.07 27.29 -16.82
CA LYS A 41 16.36 28.06 -17.83
C LYS A 41 14.94 27.58 -18.08
N VAL A 42 14.60 26.44 -17.50
CA VAL A 42 13.26 25.90 -17.69
C VAL A 42 12.51 25.70 -16.38
N LEU A 43 11.28 26.20 -16.34
CA LEU A 43 10.42 26.05 -15.16
C LEU A 43 9.62 24.77 -15.36
N ALA A 44 9.53 23.95 -14.32
CA ALA A 44 8.82 22.69 -14.41
C ALA A 44 7.97 22.39 -13.17
N GLY A 45 6.69 22.18 -13.40
CA GLY A 45 5.77 21.89 -12.31
C GLY A 45 4.98 20.62 -12.63
N PHE A 46 4.37 20.01 -11.62
CA PHE A 46 3.62 18.80 -11.87
C PHE A 46 2.47 18.58 -10.89
N ALA A 47 1.46 17.89 -11.37
CA ALA A 47 0.30 17.53 -10.57
C ALA A 47 0.38 16.01 -10.61
N GLY A 48 0.85 15.42 -9.52
CA GLY A 48 1.00 13.96 -9.44
C GLY A 48 2.02 13.54 -8.40
N SER A 49 2.41 12.28 -8.44
CA SER A 49 3.38 11.74 -7.50
C SER A 49 4.79 12.21 -7.82
N VAL A 50 5.65 12.28 -6.80
CA VAL A 50 7.02 12.75 -6.99
C VAL A 50 7.89 11.79 -7.80
N ALA A 51 7.70 10.49 -7.62
CA ALA A 51 8.50 9.51 -8.36
C ALA A 51 8.18 9.60 -9.84
N ASP A 52 6.89 9.76 -10.17
CA ASP A 52 6.47 9.89 -11.56
C ASP A 52 7.13 11.14 -12.16
N ALA A 53 7.05 12.25 -11.42
CA ALA A 53 7.62 13.52 -11.86
C ALA A 53 9.11 13.45 -12.10
N MET A 54 9.84 12.88 -11.13
CA MET A 54 11.28 12.77 -11.26
C MET A 54 11.70 11.99 -12.51
N THR A 55 11.06 10.85 -12.76
CA THR A 55 11.41 10.06 -13.93
C THR A 55 11.12 10.84 -15.21
N LEU A 56 9.97 11.48 -15.27
CA LEU A 56 9.58 12.27 -16.45
C LEU A 56 10.49 13.47 -16.64
N PHE A 57 10.83 14.18 -15.56
CA PHE A 57 11.70 15.34 -15.68
C PHE A 57 13.09 14.94 -16.15
N ASP A 58 13.55 13.77 -15.72
CA ASP A 58 14.87 13.29 -16.14
C ASP A 58 14.86 13.05 -17.65
N ARG A 59 13.78 12.45 -18.15
CA ARG A 59 13.68 12.20 -19.58
C ARG A 59 13.57 13.54 -20.32
N PHE A 60 12.89 14.49 -19.71
CA PHE A 60 12.73 15.81 -20.32
C PHE A 60 14.10 16.50 -20.41
N GLU A 61 14.89 16.36 -19.35
CA GLU A 61 16.24 16.95 -19.31
C GLU A 61 17.05 16.40 -20.48
N ALA A 62 16.96 15.09 -20.70
CA ALA A 62 17.68 14.44 -21.79
C ALA A 62 17.25 15.00 -23.13
N LYS A 63 15.94 15.16 -23.31
CA LYS A 63 15.39 15.68 -24.56
C LYS A 63 15.90 17.10 -24.80
N LEU A 64 15.97 17.89 -23.73
CA LEU A 64 16.45 19.26 -23.84
C LEU A 64 17.90 19.27 -24.31
N ARG A 65 18.69 18.33 -23.82
CA ARG A 65 20.10 18.26 -24.23
C ARG A 65 20.19 17.83 -25.70
N GLU A 66 19.50 16.75 -26.02
CA GLU A 66 19.50 16.21 -27.38
C GLU A 66 19.01 17.19 -28.43
N TRP A 67 18.07 18.04 -28.08
CA TRP A 67 17.55 19.00 -29.04
C TRP A 67 17.99 20.44 -28.82
N GLY A 68 19.16 20.58 -28.20
CA GLY A 68 19.72 21.90 -27.95
C GLY A 68 18.84 22.94 -27.29
N GLY A 69 18.23 22.57 -26.17
CA GLY A 69 17.39 23.51 -25.44
C GLY A 69 16.10 23.94 -26.11
N ASN A 70 15.74 23.31 -27.22
CA ASN A 70 14.49 23.65 -27.91
C ASN A 70 13.33 23.08 -27.10
N LEU A 71 12.62 23.96 -26.39
CA LEU A 71 11.50 23.54 -25.56
C LEU A 71 10.40 22.84 -26.33
N THR A 72 10.03 23.40 -27.48
CA THR A 72 8.97 22.81 -28.29
C THR A 72 9.35 21.40 -28.72
N LYS A 73 10.52 21.27 -29.33
CA LYS A 73 11.02 19.99 -29.79
C LYS A 73 11.10 18.99 -28.64
N ALA A 74 11.67 19.44 -27.53
CA ALA A 74 11.84 18.61 -26.34
C ALA A 74 10.50 18.13 -25.78
N ALA A 75 9.52 19.03 -25.72
CA ALA A 75 8.21 18.70 -25.19
C ALA A 75 7.51 17.66 -26.07
N VAL A 76 7.60 17.83 -27.37
CA VAL A 76 6.96 16.89 -28.30
C VAL A 76 7.60 15.51 -28.22
N GLU A 77 8.93 15.46 -28.21
CA GLU A 77 9.64 14.19 -28.14
C GLU A 77 9.40 13.49 -26.80
N LEU A 78 9.23 14.27 -25.74
CA LEU A 78 8.96 13.66 -24.45
C LEU A 78 7.59 13.01 -24.50
N ALA A 79 6.63 13.71 -25.10
CA ALA A 79 5.26 13.18 -25.20
C ALA A 79 5.24 11.90 -26.02
N LYS A 80 6.00 11.85 -27.11
CA LYS A 80 6.02 10.66 -27.94
C LYS A 80 6.64 9.49 -27.16
N ASP A 81 7.70 9.76 -26.41
CA ASP A 81 8.35 8.72 -25.60
C ASP A 81 7.37 8.26 -24.50
N TRP A 82 6.75 9.22 -23.85
CA TRP A 82 5.80 8.97 -22.76
C TRP A 82 4.70 8.03 -23.25
N ARG A 83 4.29 8.21 -24.49
CA ARG A 83 3.22 7.45 -25.09
C ARG A 83 3.63 6.06 -25.58
N THR A 84 4.88 5.91 -26.01
CA THR A 84 5.34 4.63 -26.53
C THR A 84 6.22 3.79 -25.60
N ASP A 85 7.06 4.43 -24.80
CA ASP A 85 7.94 3.71 -23.88
C ASP A 85 7.17 2.89 -22.86
N ARG A 86 7.50 1.61 -22.76
CA ARG A 86 6.83 0.69 -21.83
C ARG A 86 6.94 1.13 -20.37
N VAL A 87 8.03 1.81 -20.03
CA VAL A 87 8.22 2.26 -18.67
C VAL A 87 7.39 3.51 -18.36
N LEU A 88 7.67 4.57 -19.12
CA LEU A 88 6.97 5.85 -18.93
C LEU A 88 5.46 5.76 -19.02
N ARG A 89 4.96 4.84 -19.84
CA ARG A 89 3.52 4.69 -20.02
C ARG A 89 2.77 4.44 -18.71
N ARG A 90 3.46 3.97 -17.68
CA ARG A 90 2.83 3.72 -16.39
C ARG A 90 2.78 4.98 -15.53
N LEU A 91 3.49 6.02 -15.96
CA LEU A 91 3.56 7.29 -15.24
C LEU A 91 2.34 8.14 -15.59
N GLU A 92 1.62 8.63 -14.57
CA GLU A 92 0.41 9.41 -14.80
C GLU A 92 0.39 10.86 -14.33
N ALA A 93 1.55 11.46 -14.09
CA ALA A 93 1.55 12.84 -13.65
C ALA A 93 1.20 13.76 -14.82
N LEU A 94 0.77 14.97 -14.51
CA LEU A 94 0.43 15.96 -15.53
C LEU A 94 1.54 17.00 -15.38
N LEU A 95 2.17 17.38 -16.49
CA LEU A 95 3.26 18.34 -16.42
C LEU A 95 2.99 19.70 -17.06
N LEU A 96 3.68 20.71 -16.55
CA LEU A 96 3.57 22.06 -17.07
C LEU A 96 4.99 22.60 -17.09
N VAL A 97 5.48 22.95 -18.28
CA VAL A 97 6.84 23.47 -18.40
C VAL A 97 6.84 24.78 -19.17
N ALA A 98 7.85 25.60 -18.94
CA ALA A 98 7.95 26.88 -19.61
C ALA A 98 9.35 27.43 -19.53
N ASP A 99 9.72 28.22 -20.53
CA ASP A 99 11.00 28.90 -20.54
C ASP A 99 10.65 30.37 -20.77
N LYS A 100 11.62 31.19 -21.15
CA LYS A 100 11.35 32.61 -21.33
C LYS A 100 10.41 32.93 -22.49
N GLU A 101 10.14 31.96 -23.36
CA GLU A 101 9.29 32.23 -24.51
C GLU A 101 8.11 31.30 -24.73
N ASN A 102 8.22 30.04 -24.32
CA ASN A 102 7.12 29.10 -24.53
C ASN A 102 6.62 28.43 -23.26
N ILE A 103 5.39 27.91 -23.33
CA ILE A 103 4.74 27.22 -22.23
C ILE A 103 4.05 25.97 -22.80
N PHE A 104 4.23 24.83 -22.14
CA PHE A 104 3.60 23.60 -22.60
C PHE A 104 3.03 22.73 -21.49
N ILE A 105 1.84 22.21 -21.75
CA ILE A 105 1.18 21.29 -20.84
C ILE A 105 1.49 19.95 -21.53
N ILE A 106 2.00 18.98 -20.78
CA ILE A 106 2.32 17.68 -21.36
C ILE A 106 1.67 16.56 -20.53
N SER A 107 1.01 15.64 -21.21
CA SER A 107 0.33 14.53 -20.53
C SER A 107 0.73 13.17 -21.09
N GLY A 108 0.36 12.12 -20.36
CA GLY A 108 0.67 10.76 -20.80
C GLY A 108 -0.19 10.30 -21.96
N ASN A 109 -1.16 11.12 -22.36
CA ASN A 109 -2.02 10.77 -23.48
C ASN A 109 -1.52 11.38 -24.78
N GLY A 110 -0.24 11.77 -24.78
CA GLY A 110 0.35 12.35 -25.97
C GLY A 110 0.06 13.82 -26.20
N GLU A 111 -0.54 14.48 -25.21
CA GLU A 111 -0.85 15.90 -25.36
C GLU A 111 0.35 16.81 -25.16
N VAL A 112 0.43 17.84 -26.00
CA VAL A 112 1.48 18.85 -25.93
C VAL A 112 0.70 20.12 -26.26
N ILE A 113 0.29 20.84 -25.21
CA ILE A 113 -0.54 22.02 -25.38
C ILE A 113 0.03 23.34 -24.89
N GLN A 114 0.13 24.30 -25.80
CA GLN A 114 0.61 25.63 -25.46
C GLN A 114 -0.55 26.60 -25.56
N PRO A 115 -1.10 27.04 -24.43
CA PRO A 115 -2.23 27.97 -24.45
C PRO A 115 -1.88 29.23 -25.24
N ASP A 116 -2.85 29.78 -25.96
CA ASP A 116 -2.60 31.00 -26.72
C ASP A 116 -2.96 32.22 -25.87
N ASP A 117 -2.22 32.38 -24.78
CA ASP A 117 -2.39 33.50 -23.86
C ASP A 117 -1.10 33.53 -23.02
N ASP A 118 -0.93 34.52 -22.15
CA ASP A 118 0.27 34.63 -21.35
C ASP A 118 0.19 33.97 -19.98
N ALA A 119 -0.76 33.05 -19.83
CA ALA A 119 -0.94 32.33 -18.58
C ALA A 119 -1.43 30.92 -18.89
N ALA A 120 -1.03 29.97 -18.06
CA ALA A 120 -1.43 28.58 -18.23
C ALA A 120 -1.44 27.93 -16.87
N ALA A 121 -2.25 26.89 -16.70
CA ALA A 121 -2.32 26.22 -15.41
C ALA A 121 -2.79 24.78 -15.53
N ILE A 122 -2.41 23.95 -14.56
CA ILE A 122 -2.85 22.57 -14.51
C ILE A 122 -3.23 22.24 -13.08
N GLY A 123 -3.86 21.08 -12.92
CA GLY A 123 -4.29 20.66 -11.59
C GLY A 123 -5.74 21.01 -11.36
N SER A 124 -6.30 20.40 -10.32
CA SER A 124 -7.69 20.63 -9.95
C SER A 124 -8.03 22.11 -9.81
N GLY A 125 -7.11 22.89 -9.26
CA GLY A 125 -7.38 24.32 -9.08
C GLY A 125 -6.94 25.21 -10.22
N GLY A 126 -6.31 24.63 -11.22
CA GLY A 126 -5.81 25.40 -12.36
C GLY A 126 -6.77 26.43 -12.92
N PRO A 127 -7.97 26.02 -13.35
CA PRO A 127 -8.94 26.96 -13.92
C PRO A 127 -9.23 28.18 -13.07
N TYR A 128 -9.28 28.01 -11.75
CA TYR A 128 -9.55 29.13 -10.85
C TYR A 128 -8.37 30.11 -10.87
N ALA A 129 -7.16 29.58 -10.77
CA ALA A 129 -5.97 30.43 -10.77
C ALA A 129 -5.85 31.13 -12.13
N LEU A 130 -6.20 30.41 -13.18
CA LEU A 130 -6.14 30.94 -14.53
C LEU A 130 -7.10 32.11 -14.68
N ALA A 131 -8.33 31.95 -14.22
CA ALA A 131 -9.34 33.00 -14.31
C ALA A 131 -8.85 34.24 -13.59
N ALA A 132 -8.36 34.06 -12.36
CA ALA A 132 -7.84 35.17 -11.57
C ALA A 132 -6.64 35.81 -12.27
N ALA A 133 -5.76 34.98 -12.82
CA ALA A 133 -4.57 35.48 -13.49
C ALA A 133 -4.91 36.33 -14.70
N LYS A 134 -5.84 35.86 -15.53
CA LYS A 134 -6.24 36.59 -16.72
C LYS A 134 -6.88 37.92 -16.34
N ALA A 135 -7.67 37.92 -15.26
CA ALA A 135 -8.32 39.13 -14.81
C ALA A 135 -7.30 40.20 -14.43
N LEU A 136 -6.24 39.79 -13.73
CA LEU A 136 -5.19 40.70 -13.31
C LEU A 136 -4.29 41.13 -14.46
N LEU A 137 -4.03 40.20 -15.38
CA LEU A 137 -3.19 40.50 -16.53
C LEU A 137 -3.86 41.57 -17.40
N ARG A 138 -5.17 41.44 -17.56
CA ARG A 138 -5.91 42.35 -18.43
C ARG A 138 -6.46 43.62 -17.81
N ASN A 139 -6.50 43.71 -16.48
CA ASN A 139 -7.05 44.90 -15.85
C ASN A 139 -6.18 45.60 -14.80
N THR A 140 -4.91 45.20 -14.70
CA THR A 140 -3.99 45.84 -13.77
C THR A 140 -2.63 45.90 -14.43
N ASP A 141 -1.69 46.58 -13.79
CA ASP A 141 -0.34 46.68 -14.30
C ASP A 141 0.59 45.87 -13.39
N LEU A 142 0.02 44.90 -12.68
CA LEU A 142 0.80 44.05 -11.77
C LEU A 142 1.76 43.13 -12.51
N SER A 143 2.91 42.88 -11.92
CA SER A 143 3.92 42.02 -12.53
C SER A 143 3.49 40.57 -12.48
N ALA A 144 4.17 39.74 -13.28
CA ALA A 144 3.88 38.31 -13.33
C ALA A 144 3.99 37.68 -11.94
N ARG A 145 5.04 38.04 -11.21
CA ARG A 145 5.25 37.51 -9.87
C ARG A 145 4.07 37.82 -8.95
N GLU A 146 3.64 39.07 -8.91
CA GLU A 146 2.52 39.47 -8.07
C GLU A 146 1.23 38.75 -8.49
N ILE A 147 1.01 38.66 -9.79
CA ILE A 147 -0.18 37.99 -10.30
C ILE A 147 -0.23 36.54 -9.86
N VAL A 148 0.87 35.82 -10.04
CA VAL A 148 0.92 34.42 -9.64
C VAL A 148 0.60 34.26 -8.14
N GLU A 149 1.25 35.05 -7.29
CA GLU A 149 0.99 34.94 -5.87
C GLU A 149 -0.48 35.17 -5.54
N LYS A 150 -1.05 36.22 -6.11
CA LYS A 150 -2.45 36.54 -5.87
C LYS A 150 -3.43 35.52 -6.45
N ALA A 151 -3.13 35.04 -7.65
CA ALA A 151 -3.99 34.05 -8.30
C ALA A 151 -3.93 32.70 -7.57
N MET A 152 -2.73 32.29 -7.18
CA MET A 152 -2.58 31.03 -6.47
C MET A 152 -3.33 31.09 -5.15
N THR A 153 -3.27 32.22 -4.47
CA THR A 153 -3.97 32.39 -3.19
C THR A 153 -5.47 32.19 -3.38
N ILE A 154 -6.03 32.83 -4.40
CA ILE A 154 -7.46 32.72 -4.69
C ILE A 154 -7.86 31.29 -5.05
N ALA A 155 -6.96 30.57 -5.72
CA ALA A 155 -7.25 29.21 -6.12
C ALA A 155 -7.30 28.31 -4.88
N GLY A 156 -6.37 28.54 -3.95
CA GLY A 156 -6.34 27.76 -2.73
C GLY A 156 -7.53 28.06 -1.85
N GLU A 157 -8.07 29.26 -1.99
CA GLU A 157 -9.22 29.68 -1.20
C GLU A 157 -10.49 28.98 -1.68
N ILE A 158 -10.60 28.76 -2.99
CA ILE A 158 -11.78 28.12 -3.59
C ILE A 158 -11.75 26.58 -3.67
N CYS A 159 -10.58 26.04 -4.00
CA CYS A 159 -10.43 24.59 -4.18
C CYS A 159 -10.02 23.84 -2.91
N ILE A 160 -10.75 22.78 -2.55
CA ILE A 160 -10.42 22.01 -1.35
C ILE A 160 -9.19 21.14 -1.54
N TYR A 161 -8.70 21.04 -2.77
CA TYR A 161 -7.52 20.24 -3.04
C TYR A 161 -6.25 21.09 -3.20
N THR A 162 -6.40 22.40 -3.04
CA THR A 162 -5.27 23.32 -3.16
C THR A 162 -5.15 24.18 -1.90
N ASN A 163 -3.94 24.32 -1.36
CA ASN A 163 -3.77 25.16 -0.17
C ASN A 163 -3.05 26.46 -0.47
N GLN A 164 -2.71 27.22 0.57
CA GLN A 164 -2.06 28.52 0.38
C GLN A 164 -0.53 28.55 0.54
N ASN A 165 0.09 27.38 0.66
CA ASN A 165 1.55 27.31 0.80
C ASN A 165 2.14 27.20 -0.60
N ILE A 166 2.54 28.34 -1.13
CA ILE A 166 3.06 28.45 -2.49
C ILE A 166 4.57 28.52 -2.68
N VAL A 167 5.06 27.75 -3.65
CA VAL A 167 6.47 27.75 -4.00
C VAL A 167 6.53 28.45 -5.35
N ILE A 168 7.47 29.37 -5.50
CA ILE A 168 7.61 30.12 -6.74
C ILE A 168 9.02 30.05 -7.32
N GLU A 169 9.10 29.92 -8.63
CA GLU A 169 10.36 29.89 -9.37
C GLU A 169 10.20 30.84 -10.55
N GLU A 170 11.28 31.51 -10.94
CA GLU A 170 11.22 32.48 -12.05
C GLU A 170 12.36 32.33 -13.05
N VAL A 171 12.09 32.72 -14.30
CA VAL A 171 13.09 32.69 -15.37
C VAL A 171 12.98 33.96 -16.21
N THR B 1 -6.95 -1.49 9.84
CA THR B 1 -5.49 -1.35 10.13
C THR B 1 -5.12 0.08 10.47
N THR B 2 -4.17 0.23 11.39
CA THR B 2 -3.68 1.53 11.79
C THR B 2 -2.20 1.41 12.10
N ILE B 3 -1.39 2.25 11.46
CA ILE B 3 0.05 2.31 11.68
C ILE B 3 0.33 3.77 11.99
N LEU B 4 0.98 4.04 13.12
CA LEU B 4 1.29 5.39 13.52
C LEU B 4 2.74 5.53 13.95
N VAL B 5 3.37 6.64 13.57
CA VAL B 5 4.75 6.90 13.96
C VAL B 5 4.79 8.31 14.56
N VAL B 6 5.51 8.44 15.67
CA VAL B 6 5.64 9.72 16.36
C VAL B 6 7.10 9.96 16.75
N ARG B 7 7.57 11.19 16.53
CA ARG B 7 8.93 11.57 16.88
C ARG B 7 8.85 12.62 17.97
N ARG B 8 9.62 12.41 19.04
CA ARG B 8 9.68 13.34 20.15
C ARG B 8 10.90 13.07 21.03
N ASN B 9 11.62 14.14 21.35
CA ASN B 9 12.82 14.06 22.19
C ASN B 9 13.86 13.10 21.62
N GLY B 10 14.17 13.25 20.33
CA GLY B 10 15.18 12.41 19.71
C GLY B 10 14.82 10.93 19.58
N GLN B 11 13.56 10.58 19.84
CA GLN B 11 13.13 9.20 19.72
C GLN B 11 11.99 9.07 18.72
N THR B 12 12.09 8.08 17.84
CA THR B 12 11.04 7.83 16.86
C THR B 12 10.42 6.48 17.17
N VAL B 13 9.13 6.51 17.45
CA VAL B 13 8.35 5.32 17.81
C VAL B 13 7.22 5.04 16.83
N MET B 14 7.12 3.79 16.38
CA MET B 14 6.06 3.38 15.45
C MET B 14 5.24 2.23 16.02
N GLY B 15 3.92 2.38 15.95
CA GLY B 15 3.03 1.34 16.44
C GLY B 15 2.05 0.85 15.38
N GLY B 16 1.54 -0.36 15.55
CA GLY B 16 0.58 -0.93 14.62
C GLY B 16 -0.36 -1.87 15.37
N ASP B 17 -1.63 -1.93 14.96
CA ASP B 17 -2.59 -2.82 15.63
C ASP B 17 -2.36 -4.25 15.13
N GLY B 18 -3.15 -5.21 15.62
CA GLY B 18 -2.95 -6.58 15.20
C GLY B 18 -4.10 -7.26 14.48
N GLN B 19 -5.11 -6.48 14.09
CA GLN B 19 -6.27 -7.05 13.44
C GLN B 19 -6.14 -7.34 11.95
N VAL B 20 -6.57 -8.54 11.55
CA VAL B 20 -6.56 -8.96 10.16
C VAL B 20 -8.00 -9.33 9.84
N THR B 21 -8.60 -8.59 8.93
CA THR B 21 -10.01 -8.80 8.58
C THR B 21 -10.24 -9.30 7.16
N PHE B 22 -11.15 -10.27 7.06
CA PHE B 22 -11.56 -10.84 5.78
C PHE B 22 -13.06 -10.66 5.72
N GLY B 23 -13.52 -9.73 4.91
CA GLY B 23 -14.95 -9.47 4.83
C GLY B 23 -15.35 -8.78 6.11
N SER B 24 -16.11 -9.45 6.96
CA SER B 24 -16.53 -8.85 8.22
C SER B 24 -16.16 -9.74 9.40
N THR B 25 -15.15 -10.58 9.21
CA THR B 25 -14.72 -11.47 10.28
C THR B 25 -13.23 -11.29 10.55
N VAL B 26 -12.86 -11.33 11.82
CA VAL B 26 -11.48 -11.19 12.23
C VAL B 26 -10.81 -12.55 12.15
N LEU B 27 -9.76 -12.67 11.36
CA LEU B 27 -9.05 -13.93 11.22
C LEU B 27 -7.89 -14.05 12.21
N LYS B 28 -7.32 -12.90 12.58
CA LYS B 28 -6.19 -12.85 13.51
C LYS B 28 -6.22 -11.52 14.25
N GLY B 29 -5.84 -11.54 15.52
CA GLY B 29 -5.85 -10.31 16.31
C GLY B 29 -4.51 -9.84 16.84
N ASN B 30 -3.44 -10.60 16.61
CA ASN B 30 -2.12 -10.22 17.10
C ASN B 30 -1.10 -10.06 15.98
N ALA B 31 -1.56 -9.56 14.85
CA ALA B 31 -0.67 -9.35 13.70
C ALA B 31 0.44 -8.38 14.08
N ARG B 32 1.59 -8.55 13.43
CA ARG B 32 2.76 -7.70 13.65
C ARG B 32 2.92 -6.94 12.33
N LYS B 33 2.41 -5.71 12.29
CA LYS B 33 2.46 -4.89 11.08
C LYS B 33 3.63 -3.91 11.04
N VAL B 34 4.52 -4.01 12.03
CA VAL B 34 5.67 -3.12 12.10
C VAL B 34 6.95 -3.93 12.22
N ARG B 35 7.88 -3.68 11.30
CA ARG B 35 9.16 -4.39 11.27
C ARG B 35 10.33 -3.41 11.32
N LYS B 36 11.53 -3.95 11.44
CA LYS B 36 12.73 -3.13 11.46
C LYS B 36 13.60 -3.52 10.27
N LEU B 37 14.09 -2.51 9.57
CA LEU B 37 14.94 -2.71 8.39
C LEU B 37 16.24 -1.92 8.53
N GLY B 38 17.08 -2.01 7.51
CA GLY B 38 18.34 -1.29 7.52
C GLY B 38 19.18 -1.53 8.76
N GLU B 39 19.34 -2.81 9.12
CA GLU B 39 20.13 -3.19 10.28
C GLU B 39 19.60 -2.57 11.58
N GLY B 40 18.28 -2.64 11.76
CA GLY B 40 17.67 -2.10 12.96
C GLY B 40 17.71 -0.60 13.10
N LYS B 41 17.88 0.12 11.99
CA LYS B 41 17.93 1.57 12.03
C LYS B 41 16.69 2.22 11.42
N VAL B 42 15.93 1.46 10.64
CA VAL B 42 14.73 1.97 9.99
C VAL B 42 13.45 1.25 10.39
N LEU B 43 12.42 2.00 10.76
CA LEU B 43 11.13 1.42 11.12
C LEU B 43 10.30 1.28 9.84
N ALA B 44 9.60 0.17 9.69
CA ALA B 44 8.80 -0.04 8.50
C ALA B 44 7.45 -0.65 8.84
N GLY B 45 6.39 0.10 8.51
CA GLY B 45 5.04 -0.37 8.78
C GLY B 45 4.30 -0.58 7.47
N PHE B 46 3.26 -1.43 7.49
CA PHE B 46 2.53 -1.69 6.26
C PHE B 46 1.05 -2.03 6.41
N ALA B 47 0.26 -1.53 5.47
CA ALA B 47 -1.16 -1.80 5.43
C ALA B 47 -1.28 -2.67 4.17
N GLY B 48 -1.56 -3.95 4.37
CA GLY B 48 -1.67 -4.86 3.24
C GLY B 48 -1.23 -6.26 3.62
N SER B 49 -1.21 -7.17 2.65
CA SER B 49 -0.83 -8.55 2.91
C SER B 49 0.65 -8.69 3.26
N VAL B 50 0.96 -9.77 3.98
CA VAL B 50 2.32 -10.04 4.41
C VAL B 50 3.29 -10.21 3.24
N ALA B 51 2.94 -11.07 2.29
CA ALA B 51 3.80 -11.34 1.14
C ALA B 51 4.11 -10.08 0.32
N ASP B 52 3.10 -9.25 0.08
CA ASP B 52 3.29 -8.02 -0.68
C ASP B 52 4.31 -7.13 0.04
N ALA B 53 4.06 -6.89 1.32
CA ALA B 53 4.94 -6.06 2.13
C ALA B 53 6.37 -6.59 2.15
N MET B 54 6.50 -7.90 2.38
CA MET B 54 7.80 -8.55 2.43
C MET B 54 8.60 -8.33 1.16
N THR B 55 7.96 -8.54 0.02
CA THR B 55 8.62 -8.35 -1.27
C THR B 55 9.07 -6.89 -1.41
N LEU B 56 8.21 -5.96 -0.99
CA LEU B 56 8.54 -4.54 -1.06
C LEU B 56 9.66 -4.20 -0.11
N PHE B 57 9.60 -4.76 1.10
CA PHE B 57 10.64 -4.52 2.09
C PHE B 57 11.98 -5.04 1.57
N ASP B 58 11.96 -6.16 0.88
CA ASP B 58 13.19 -6.73 0.34
C ASP B 58 13.81 -5.72 -0.62
N ARG B 59 12.98 -5.18 -1.52
CA ARG B 59 13.46 -4.21 -2.50
C ARG B 59 13.91 -2.94 -1.80
N PHE B 60 13.26 -2.60 -0.70
CA PHE B 60 13.62 -1.39 0.05
C PHE B 60 14.98 -1.61 0.71
N GLU B 61 15.18 -2.79 1.29
CA GLU B 61 16.44 -3.13 1.94
C GLU B 61 17.56 -2.95 0.91
N ALA B 62 17.32 -3.49 -0.29
CA ALA B 62 18.29 -3.38 -1.36
C ALA B 62 18.61 -1.92 -1.65
N LYS B 63 17.58 -1.10 -1.81
CA LYS B 63 17.77 0.32 -2.09
C LYS B 63 18.55 1.04 -1.00
N LEU B 64 18.31 0.66 0.25
CA LEU B 64 19.02 1.29 1.36
C LEU B 64 20.52 1.01 1.23
N ARG B 65 20.87 -0.23 0.91
CA ARG B 65 22.26 -0.62 0.75
C ARG B 65 22.89 0.12 -0.41
N GLU B 66 22.21 0.12 -1.55
CA GLU B 66 22.70 0.78 -2.75
C GLU B 66 23.00 2.27 -2.58
N TRP B 67 22.14 3.00 -1.88
CA TRP B 67 22.36 4.42 -1.71
C TRP B 67 22.95 4.88 -0.39
N GLY B 68 23.81 4.04 0.18
CA GLY B 68 24.48 4.36 1.43
C GLY B 68 23.64 4.69 2.64
N GLY B 69 22.48 4.05 2.77
CA GLY B 69 21.64 4.31 3.92
C GLY B 69 20.83 5.59 3.87
N ASN B 70 20.79 6.23 2.70
CA ASN B 70 20.03 7.47 2.54
C ASN B 70 18.55 7.09 2.47
N LEU B 71 17.82 7.34 3.55
CA LEU B 71 16.40 6.99 3.60
C LEU B 71 15.59 7.68 2.51
N THR B 72 15.79 8.99 2.36
CA THR B 72 15.09 9.76 1.34
C THR B 72 15.31 9.20 -0.05
N LYS B 73 16.57 8.98 -0.41
CA LYS B 73 16.91 8.43 -1.72
C LYS B 73 16.36 7.02 -1.90
N ALA B 74 16.48 6.21 -0.86
CA ALA B 74 16.00 4.84 -0.92
C ALA B 74 14.49 4.79 -1.15
N ALA B 75 13.76 5.67 -0.47
CA ALA B 75 12.30 5.72 -0.59
C ALA B 75 11.87 6.12 -2.01
N VAL B 76 12.52 7.12 -2.57
CA VAL B 76 12.20 7.57 -3.92
C VAL B 76 12.48 6.47 -4.93
N GLU B 77 13.64 5.81 -4.81
CA GLU B 77 13.99 4.75 -5.75
C GLU B 77 13.07 3.54 -5.66
N LEU B 78 12.57 3.25 -4.46
CA LEU B 78 11.64 2.14 -4.27
C LEU B 78 10.34 2.52 -4.96
N ALA B 79 9.88 3.74 -4.74
CA ALA B 79 8.65 4.24 -5.35
C ALA B 79 8.72 4.07 -6.86
N LYS B 80 9.87 4.41 -7.45
CA LYS B 80 10.05 4.30 -8.89
C LYS B 80 9.88 2.84 -9.33
N ASP B 81 10.58 1.93 -8.66
CA ASP B 81 10.51 0.50 -8.99
C ASP B 81 9.09 -0.04 -8.83
N TRP B 82 8.50 0.25 -7.67
CA TRP B 82 7.16 -0.19 -7.35
C TRP B 82 6.19 0.23 -8.46
N ARG B 83 6.44 1.42 -9.01
CA ARG B 83 5.62 2.01 -10.05
C ARG B 83 5.75 1.36 -11.43
N THR B 84 6.97 1.05 -11.82
CA THR B 84 7.23 0.48 -13.15
C THR B 84 7.55 -1.01 -13.24
N ASP B 85 8.20 -1.57 -12.22
CA ASP B 85 8.54 -2.99 -12.27
C ASP B 85 7.26 -3.84 -12.39
N ARG B 86 7.18 -4.61 -13.46
CA ARG B 86 6.03 -5.48 -13.71
C ARG B 86 5.63 -6.36 -12.54
N VAL B 87 6.61 -6.74 -11.71
CA VAL B 87 6.35 -7.59 -10.56
C VAL B 87 5.72 -6.78 -9.42
N LEU B 88 6.49 -5.84 -8.89
CA LEU B 88 6.05 -5.00 -7.78
C LEU B 88 4.76 -4.23 -8.09
N ARG B 89 4.59 -3.85 -9.35
CA ARG B 89 3.42 -3.09 -9.76
C ARG B 89 2.12 -3.84 -9.47
N ARG B 90 2.22 -5.16 -9.31
CA ARG B 90 1.06 -5.98 -9.02
C ARG B 90 0.78 -6.03 -7.53
N LEU B 91 1.75 -5.61 -6.72
CA LEU B 91 1.61 -5.61 -5.27
C LEU B 91 0.71 -4.47 -4.79
N GLU B 92 -0.19 -4.79 -3.88
CA GLU B 92 -1.13 -3.81 -3.35
C GLU B 92 -0.92 -3.61 -1.85
N ALA B 93 -0.39 -2.46 -1.48
CA ALA B 93 -0.14 -2.14 -0.08
C ALA B 93 0.28 -0.68 0.04
N LEU B 94 0.35 -0.19 1.28
CA LEU B 94 0.76 1.17 1.56
C LEU B 94 1.82 1.04 2.63
N LEU B 95 2.92 1.76 2.47
CA LEU B 95 4.02 1.69 3.42
C LEU B 95 4.26 2.98 4.20
N LEU B 96 4.80 2.83 5.40
CA LEU B 96 5.16 3.94 6.26
C LEU B 96 6.53 3.59 6.83
N VAL B 97 7.54 4.37 6.46
CA VAL B 97 8.91 4.12 6.94
C VAL B 97 9.49 5.35 7.63
N ALA B 98 10.46 5.14 8.50
CA ALA B 98 11.09 6.26 9.20
C ALA B 98 12.36 5.89 9.94
N ASP B 99 13.30 6.83 10.02
CA ASP B 99 14.51 6.62 10.80
C ASP B 99 14.40 7.67 11.89
N LYS B 100 15.50 8.00 12.55
CA LYS B 100 15.44 8.98 13.63
C LYS B 100 15.24 10.43 13.19
N GLU B 101 15.32 10.70 11.88
CA GLU B 101 15.15 12.07 11.40
C GLU B 101 14.10 12.28 10.30
N ASN B 102 13.74 11.23 9.58
CA ASN B 102 12.76 11.37 8.50
C ASN B 102 11.66 10.31 8.53
N ILE B 103 10.48 10.70 8.05
CA ILE B 103 9.32 9.83 7.96
C ILE B 103 8.76 9.94 6.53
N PHE B 104 8.42 8.80 5.94
CA PHE B 104 7.87 8.80 4.59
C PHE B 104 6.74 7.81 4.40
N ILE B 105 5.72 8.24 3.67
CA ILE B 105 4.62 7.37 3.32
C ILE B 105 4.97 7.06 1.86
N ILE B 106 4.91 5.79 1.48
CA ILE B 106 5.23 5.38 0.11
C ILE B 106 4.10 4.53 -0.45
N SER B 107 3.69 4.81 -1.68
CA SER B 107 2.60 4.07 -2.30
C SER B 107 3.00 3.52 -3.68
N GLY B 108 2.18 2.62 -4.20
CA GLY B 108 2.45 2.02 -5.50
C GLY B 108 2.18 2.97 -6.67
N ASN B 109 1.75 4.18 -6.35
CA ASN B 109 1.47 5.18 -7.38
C ASN B 109 2.61 6.19 -7.51
N GLY B 110 3.78 5.80 -7.02
CA GLY B 110 4.94 6.66 -7.10
C GLY B 110 4.99 7.76 -6.06
N GLU B 111 4.18 7.63 -5.02
CA GLU B 111 4.15 8.64 -3.98
C GLU B 111 5.16 8.40 -2.86
N VAL B 112 5.85 9.47 -2.48
CA VAL B 112 6.83 9.47 -1.39
C VAL B 112 6.45 10.74 -0.65
N ILE B 113 5.74 10.59 0.46
CA ILE B 113 5.25 11.75 1.19
C ILE B 113 5.71 11.87 2.64
N GLN B 114 6.36 12.99 2.96
CA GLN B 114 6.79 13.24 4.33
C GLN B 114 5.89 14.32 4.94
N PRO B 115 5.00 13.93 5.86
CA PRO B 115 4.11 14.92 6.48
C PRO B 115 4.92 16.01 7.20
N ASP B 116 4.44 17.25 7.14
CA ASP B 116 5.14 18.34 7.82
C ASP B 116 4.64 18.46 9.26
N ASP B 117 4.99 17.45 10.06
CA ASP B 117 4.62 17.38 11.47
C ASP B 117 5.43 16.25 12.10
N ASP B 118 5.40 16.15 13.43
CA ASP B 118 6.15 15.11 14.13
C ASP B 118 5.39 13.78 14.21
N ALA B 119 4.31 13.66 13.46
CA ALA B 119 3.51 12.44 13.43
C ALA B 119 3.01 12.14 12.02
N ALA B 120 2.76 10.86 11.76
CA ALA B 120 2.25 10.38 10.48
C ALA B 120 1.58 9.04 10.73
N ALA B 121 0.59 8.71 9.90
CA ALA B 121 -0.13 7.46 10.04
C ALA B 121 -0.76 7.02 8.72
N ILE B 122 -0.97 5.71 8.59
CA ILE B 122 -1.61 5.15 7.42
C ILE B 122 -2.59 4.08 7.85
N GLY B 123 -3.38 3.59 6.90
CA GLY B 123 -4.37 2.57 7.19
C GLY B 123 -5.72 3.21 7.41
N SER B 124 -6.77 2.39 7.44
CA SER B 124 -8.13 2.89 7.64
C SER B 124 -8.27 3.72 8.92
N GLY B 125 -7.60 3.31 10.00
CA GLY B 125 -7.70 4.05 11.24
C GLY B 125 -6.61 5.10 11.43
N GLY B 126 -5.74 5.22 10.41
CA GLY B 126 -4.65 6.19 10.49
C GLY B 126 -5.04 7.58 10.95
N PRO B 127 -5.99 8.23 10.26
CA PRO B 127 -6.40 9.59 10.66
C PRO B 127 -6.89 9.73 12.10
N TYR B 128 -7.48 8.67 12.66
CA TYR B 128 -7.95 8.73 14.05
C TYR B 128 -6.76 8.76 15.00
N ALA B 129 -5.80 7.87 14.78
CA ALA B 129 -4.62 7.82 15.64
C ALA B 129 -3.81 9.11 15.49
N LEU B 130 -3.75 9.61 14.26
CA LEU B 130 -3.02 10.84 13.96
C LEU B 130 -3.62 12.03 14.69
N ALA B 131 -4.95 12.15 14.65
CA ALA B 131 -5.62 13.27 15.32
C ALA B 131 -5.28 13.21 16.79
N ALA B 132 -5.36 12.01 17.38
CA ALA B 132 -5.06 11.84 18.79
C ALA B 132 -3.60 12.19 19.07
N ALA B 133 -2.69 11.68 18.24
CA ALA B 133 -1.27 11.95 18.43
C ALA B 133 -0.96 13.44 18.38
N LYS B 134 -1.55 14.15 17.42
CA LYS B 134 -1.35 15.59 17.29
C LYS B 134 -1.84 16.30 18.54
N ALA B 135 -2.94 15.81 19.11
CA ALA B 135 -3.50 16.39 20.32
C ALA B 135 -2.54 16.23 21.51
N LEU B 136 -2.01 15.01 21.68
CA LEU B 136 -1.10 14.74 22.79
C LEU B 136 0.25 15.44 22.66
N LEU B 137 0.75 15.52 21.43
CA LEU B 137 2.02 16.18 21.16
C LEU B 137 1.98 17.67 21.50
N ARG B 138 0.84 18.30 21.21
CA ARG B 138 0.69 19.73 21.43
C ARG B 138 0.16 20.16 22.78
N ASN B 139 -0.33 19.21 23.58
CA ASN B 139 -0.88 19.57 24.88
C ASN B 139 -0.37 18.79 26.10
N THR B 140 0.59 17.91 25.89
CA THR B 140 1.16 17.14 26.99
C THR B 140 2.66 17.04 26.77
N ASP B 141 3.36 16.46 27.73
CA ASP B 141 4.80 16.27 27.63
C ASP B 141 5.08 14.78 27.60
N LEU B 142 4.05 14.01 27.24
CA LEU B 142 4.17 12.55 27.17
C LEU B 142 5.25 12.19 26.15
N SER B 143 5.88 11.04 26.35
CA SER B 143 6.93 10.58 25.45
C SER B 143 6.31 10.06 24.15
N ALA B 144 7.12 9.91 23.11
CA ALA B 144 6.65 9.42 21.83
C ALA B 144 5.99 8.05 22.00
N ARG B 145 6.61 7.20 22.81
CA ARG B 145 6.09 5.87 23.08
C ARG B 145 4.70 5.88 23.68
N GLU B 146 4.49 6.70 24.71
CA GLU B 146 3.19 6.78 25.37
C GLU B 146 2.12 7.36 24.45
N ILE B 147 2.49 8.37 23.67
CA ILE B 147 1.55 8.99 22.74
C ILE B 147 1.07 7.91 21.76
N VAL B 148 2.01 7.11 21.26
CA VAL B 148 1.65 6.05 20.32
C VAL B 148 0.70 5.02 20.93
N GLU B 149 0.98 4.61 22.17
CA GLU B 149 0.12 3.63 22.84
C GLU B 149 -1.29 4.19 23.00
N LYS B 150 -1.38 5.43 23.47
CA LYS B 150 -2.68 6.05 23.69
C LYS B 150 -3.44 6.35 22.40
N ALA B 151 -2.74 6.90 21.40
CA ALA B 151 -3.38 7.23 20.14
C ALA B 151 -3.86 5.96 19.43
N MET B 152 -3.03 4.93 19.40
CA MET B 152 -3.41 3.68 18.76
C MET B 152 -4.63 3.10 19.47
N THR B 153 -4.59 3.10 20.80
CA THR B 153 -5.70 2.59 21.60
C THR B 153 -7.01 3.31 21.24
N ILE B 154 -6.94 4.62 21.04
CA ILE B 154 -8.13 5.39 20.68
C ILE B 154 -8.60 5.01 19.27
N ALA B 155 -7.65 4.75 18.38
CA ALA B 155 -8.02 4.38 17.01
C ALA B 155 -8.76 3.04 17.03
N GLY B 156 -8.28 2.11 17.84
CA GLY B 156 -8.91 0.81 17.96
C GLY B 156 -10.33 0.93 18.49
N GLU B 157 -10.55 1.89 19.39
CA GLU B 157 -11.86 2.14 19.97
C GLU B 157 -12.88 2.58 18.91
N ILE B 158 -12.44 3.44 18.01
CA ILE B 158 -13.30 4.00 16.97
C ILE B 158 -13.48 3.18 15.69
N CYS B 159 -12.38 2.71 15.11
CA CYS B 159 -12.43 1.97 13.85
C CYS B 159 -12.72 0.46 14.03
N ILE B 160 -13.66 -0.06 13.25
CA ILE B 160 -14.00 -1.48 13.33
C ILE B 160 -12.93 -2.33 12.64
N TYR B 161 -12.03 -1.69 11.90
CA TYR B 161 -10.98 -2.41 11.20
C TYR B 161 -9.63 -2.38 11.89
N THR B 162 -9.60 -1.81 13.10
CA THR B 162 -8.37 -1.71 13.90
C THR B 162 -8.67 -2.19 15.32
N ASN B 163 -7.78 -2.99 15.92
CA ASN B 163 -8.03 -3.44 17.29
C ASN B 163 -7.05 -2.84 18.31
N GLN B 164 -7.11 -3.33 19.55
CA GLN B 164 -6.27 -2.80 20.63
C GLN B 164 -4.97 -3.55 20.92
N ASN B 165 -4.62 -4.54 20.10
CA ASN B 165 -3.39 -5.27 20.34
C ASN B 165 -2.29 -4.59 19.55
N ILE B 166 -1.61 -3.68 20.23
CA ILE B 166 -0.57 -2.86 19.62
C ILE B 166 0.86 -3.35 19.77
N VAL B 167 1.55 -3.40 18.64
CA VAL B 167 2.96 -3.79 18.61
C VAL B 167 3.71 -2.48 18.39
N ILE B 168 4.74 -2.26 19.20
CA ILE B 168 5.53 -1.04 19.11
C ILE B 168 7.03 -1.29 18.94
N GLU B 169 7.64 -0.60 17.98
CA GLU B 169 9.07 -0.71 17.74
C GLU B 169 9.66 0.71 17.78
N GLU B 170 10.96 0.81 17.97
CA GLU B 170 11.60 2.10 18.06
C GLU B 170 13.06 2.09 17.56
N VAL B 171 13.52 3.25 17.08
CA VAL B 171 14.89 3.41 16.60
C VAL B 171 15.48 4.66 17.26
N THR C 1 -18.21 -24.62 0.93
CA THR C 1 -17.03 -25.42 1.39
C THR C 1 -16.63 -25.02 2.79
N THR C 2 -16.04 -25.96 3.51
CA THR C 2 -15.55 -25.72 4.86
C THR C 2 -14.36 -26.61 5.15
N ILE C 3 -13.24 -25.98 5.51
CA ILE C 3 -12.02 -26.70 5.89
C ILE C 3 -11.69 -26.16 7.29
N LEU C 4 -11.57 -27.07 8.26
CA LEU C 4 -11.28 -26.68 9.64
C LEU C 4 -10.08 -27.42 10.21
N VAL C 5 -9.21 -26.69 10.90
CA VAL C 5 -8.05 -27.30 11.53
C VAL C 5 -8.11 -26.96 13.01
N VAL C 6 -7.83 -27.95 13.85
CA VAL C 6 -7.83 -27.75 15.30
C VAL C 6 -6.58 -28.36 15.92
N ARG C 7 -5.92 -27.61 16.79
CA ARG C 7 -4.74 -28.11 17.45
C ARG C 7 -5.04 -28.29 18.93
N ARG C 8 -4.76 -29.48 19.46
CA ARG C 8 -4.98 -29.75 20.88
C ARG C 8 -4.13 -30.90 21.39
N ASN C 9 -3.48 -30.65 22.53
CA ASN C 9 -2.61 -31.63 23.17
C ASN C 9 -1.47 -32.13 22.29
N GLY C 10 -0.89 -31.21 21.51
CA GLY C 10 0.21 -31.58 20.64
C GLY C 10 -0.21 -32.33 19.40
N GLN C 11 -1.52 -32.48 19.20
CA GLN C 11 -2.05 -33.17 18.04
C GLN C 11 -2.79 -32.16 17.15
N THR C 12 -2.59 -32.23 15.84
CA THR C 12 -3.26 -31.31 14.92
C THR C 12 -4.13 -32.11 13.94
N VAL C 13 -5.39 -31.70 13.83
CA VAL C 13 -6.37 -32.38 12.97
C VAL C 13 -7.05 -31.40 12.00
N MET C 14 -7.22 -31.84 10.75
CA MET C 14 -7.86 -31.02 9.74
C MET C 14 -9.00 -31.80 9.08
N GLY C 15 -10.16 -31.15 8.96
CA GLY C 15 -11.32 -31.77 8.35
C GLY C 15 -11.88 -30.92 7.22
N GLY C 16 -12.47 -31.58 6.23
CA GLY C 16 -13.03 -30.85 5.10
C GLY C 16 -14.30 -31.55 4.61
N ASP C 17 -15.29 -30.77 4.16
CA ASP C 17 -16.54 -31.36 3.67
C ASP C 17 -16.36 -31.86 2.23
N GLY C 18 -17.41 -32.42 1.64
CA GLY C 18 -17.28 -32.93 0.29
C GLY C 18 -18.19 -32.35 -0.77
N GLN C 19 -18.88 -31.26 -0.46
CA GLN C 19 -19.78 -30.64 -1.43
C GLN C 19 -19.10 -29.79 -2.50
N VAL C 20 -19.54 -29.98 -3.74
CA VAL C 20 -19.03 -29.24 -4.88
C VAL C 20 -20.28 -28.62 -5.52
N THR C 21 -20.28 -27.28 -5.60
CA THR C 21 -21.44 -26.56 -6.12
C THR C 21 -21.19 -25.70 -7.36
N PHE C 22 -22.13 -25.77 -8.31
CA PHE C 22 -22.06 -24.98 -9.53
C PHE C 22 -23.39 -24.23 -9.57
N GLY C 23 -23.34 -22.92 -9.40
CA GLY C 23 -24.58 -22.15 -9.41
C GLY C 23 -25.37 -22.55 -8.18
N SER C 24 -26.55 -23.12 -8.40
CA SER C 24 -27.40 -23.55 -7.27
C SER C 24 -27.51 -25.06 -7.18
N THR C 25 -26.74 -25.78 -7.99
CA THR C 25 -26.83 -27.24 -7.96
C THR C 25 -25.59 -27.94 -7.45
N VAL C 26 -25.83 -28.96 -6.63
CA VAL C 26 -24.76 -29.77 -6.07
C VAL C 26 -24.31 -30.73 -7.16
N LEU C 27 -23.03 -30.68 -7.51
CA LEU C 27 -22.49 -31.56 -8.54
C LEU C 27 -21.89 -32.85 -7.99
N LYS C 28 -21.37 -32.78 -6.76
CA LYS C 28 -20.71 -33.92 -6.12
C LYS C 28 -20.77 -33.73 -4.60
N GLY C 29 -20.96 -34.82 -3.86
CA GLY C 29 -21.02 -34.71 -2.41
C GLY C 29 -19.92 -35.40 -1.62
N ASN C 30 -18.97 -36.02 -2.30
CA ASN C 30 -17.90 -36.73 -1.60
C ASN C 30 -16.50 -36.27 -1.97
N ALA C 31 -16.33 -34.97 -2.20
CA ALA C 31 -15.03 -34.46 -2.58
C ALA C 31 -14.03 -34.59 -1.44
N ARG C 32 -12.76 -34.79 -1.80
CA ARG C 32 -11.68 -34.90 -0.84
C ARG C 32 -10.92 -33.57 -0.92
N LYS C 33 -11.12 -32.70 0.06
CA LYS C 33 -10.48 -31.40 0.05
C LYS C 33 -9.30 -31.29 1.01
N VAL C 34 -8.92 -32.42 1.58
CA VAL C 34 -7.81 -32.46 2.55
C VAL C 34 -6.78 -33.53 2.18
N ARG C 35 -5.51 -33.18 2.27
CA ARG C 35 -4.42 -34.11 1.95
C ARG C 35 -3.29 -33.95 2.96
N LYS C 36 -2.26 -34.77 2.81
CA LYS C 36 -1.07 -34.71 3.65
C LYS C 36 0.12 -34.43 2.74
N LEU C 37 0.98 -33.50 3.14
CA LEU C 37 2.15 -33.15 2.35
C LEU C 37 3.40 -33.26 3.23
N GLY C 38 4.55 -32.93 2.66
CA GLY C 38 5.80 -32.97 3.40
C GLY C 38 6.07 -34.27 4.14
N GLU C 39 5.98 -35.39 3.44
CA GLU C 39 6.23 -36.71 4.03
C GLU C 39 5.31 -37.02 5.20
N GLY C 40 4.03 -36.69 5.04
CA GLY C 40 3.04 -36.96 6.08
C GLY C 40 3.11 -36.10 7.32
N LYS C 41 3.94 -35.05 7.31
CA LYS C 41 4.08 -34.18 8.46
C LYS C 41 3.28 -32.89 8.38
N VAL C 42 2.69 -32.62 7.22
CA VAL C 42 1.91 -31.40 7.03
C VAL C 42 0.51 -31.68 6.52
N LEU C 43 -0.48 -30.97 7.05
CA LEU C 43 -1.86 -31.11 6.64
C LEU C 43 -2.15 -29.97 5.67
N ALA C 44 -2.86 -30.26 4.58
CA ALA C 44 -3.17 -29.23 3.60
C ALA C 44 -4.61 -29.37 3.07
N GLY C 45 -5.35 -28.28 3.17
CA GLY C 45 -6.73 -28.28 2.71
C GLY C 45 -6.97 -27.12 1.77
N PHE C 46 -7.99 -27.23 0.93
CA PHE C 46 -8.25 -26.14 -0.01
C PHE C 46 -9.71 -25.92 -0.33
N ALA C 47 -10.00 -24.66 -0.65
CA ALA C 47 -11.31 -24.23 -1.07
C ALA C 47 -10.99 -23.78 -2.49
N GLY C 48 -11.40 -24.59 -3.47
CA GLY C 48 -11.13 -24.26 -4.85
C GLY C 48 -10.98 -25.50 -5.71
N SER C 49 -10.50 -25.32 -6.94
CA SER C 49 -10.36 -26.44 -7.88
C SER C 49 -9.14 -27.35 -7.65
N VAL C 50 -9.32 -28.62 -8.03
CA VAL C 50 -8.30 -29.65 -7.90
C VAL C 50 -6.99 -29.27 -8.56
N ALA C 51 -7.07 -28.81 -9.81
CA ALA C 51 -5.87 -28.43 -10.55
C ALA C 51 -5.12 -27.29 -9.87
N ASP C 52 -5.87 -26.29 -9.41
CA ASP C 52 -5.28 -25.16 -8.70
C ASP C 52 -4.59 -25.65 -7.43
N ALA C 53 -5.31 -26.43 -6.63
CA ALA C 53 -4.77 -26.96 -5.39
C ALA C 53 -3.48 -27.74 -5.62
N MET C 54 -3.51 -28.70 -6.54
CA MET C 54 -2.35 -29.53 -6.86
C MET C 54 -1.14 -28.71 -7.31
N THR C 55 -1.37 -27.74 -8.20
CA THR C 55 -0.29 -26.91 -8.68
C THR C 55 0.34 -26.14 -7.52
N LEU C 56 -0.51 -25.64 -6.62
CA LEU C 56 -0.03 -24.89 -5.47
C LEU C 56 0.69 -25.78 -4.47
N PHE C 57 0.11 -26.95 -4.17
CA PHE C 57 0.74 -27.87 -3.24
C PHE C 57 2.12 -28.32 -3.73
N ASP C 58 2.26 -28.50 -5.04
CA ASP C 58 3.55 -28.91 -5.58
C ASP C 58 4.60 -27.84 -5.29
N ARG C 59 4.23 -26.58 -5.48
CA ARG C 59 5.17 -25.50 -5.21
C ARG C 59 5.44 -25.45 -3.71
N PHE C 60 4.40 -25.72 -2.92
CA PHE C 60 4.55 -25.70 -1.46
C PHE C 60 5.52 -26.80 -0.99
N GLU C 61 5.41 -27.98 -1.58
CA GLU C 61 6.29 -29.11 -1.24
C GLU C 61 7.74 -28.67 -1.44
N ALA C 62 8.01 -28.03 -2.58
CA ALA C 62 9.34 -27.56 -2.90
C ALA C 62 9.82 -26.56 -1.86
N LYS C 63 8.93 -25.64 -1.46
CA LYS C 63 9.29 -24.63 -0.47
C LYS C 63 9.65 -25.29 0.85
N LEU C 64 8.95 -26.36 1.19
CA LEU C 64 9.19 -27.09 2.43
C LEU C 64 10.60 -27.70 2.44
N ARG C 65 10.95 -28.37 1.34
CA ARG C 65 12.27 -29.00 1.22
C ARG C 65 13.36 -27.93 1.27
N GLU C 66 13.17 -26.88 0.48
CA GLU C 66 14.14 -25.79 0.40
C GLU C 66 14.44 -25.14 1.74
N TRP C 67 13.40 -24.89 2.54
CA TRP C 67 13.60 -24.23 3.83
C TRP C 67 13.58 -25.16 5.04
N GLY C 68 14.10 -26.36 4.84
CA GLY C 68 14.19 -27.35 5.91
C GLY C 68 12.95 -27.64 6.74
N GLY C 69 11.79 -27.74 6.10
CA GLY C 69 10.58 -28.05 6.82
C GLY C 69 9.98 -26.92 7.63
N ASN C 70 10.55 -25.72 7.52
CA ASN C 70 10.04 -24.57 8.25
C ASN C 70 8.72 -24.14 7.60
N LEU C 71 7.61 -24.53 8.22
CA LEU C 71 6.28 -24.21 7.70
C LEU C 71 6.09 -22.71 7.52
N THR C 72 6.53 -21.93 8.50
CA THR C 72 6.38 -20.47 8.43
C THR C 72 7.09 -19.89 7.22
N LYS C 73 8.33 -20.32 7.01
CA LYS C 73 9.14 -19.83 5.89
C LYS C 73 8.54 -20.30 4.57
N ALA C 74 8.21 -21.58 4.50
CA ALA C 74 7.63 -22.15 3.30
C ALA C 74 6.33 -21.45 2.90
N ALA C 75 5.48 -21.16 3.88
CA ALA C 75 4.21 -20.50 3.59
C ALA C 75 4.43 -19.11 3.02
N VAL C 76 5.33 -18.36 3.64
CA VAL C 76 5.64 -17.01 3.19
C VAL C 76 6.20 -17.03 1.78
N GLU C 77 7.17 -17.91 1.53
CA GLU C 77 7.77 -17.98 0.20
C GLU C 77 6.77 -18.41 -0.86
N LEU C 78 5.86 -19.31 -0.50
CA LEU C 78 4.84 -19.76 -1.46
C LEU C 78 3.95 -18.56 -1.80
N ALA C 79 3.58 -17.80 -0.78
CA ALA C 79 2.72 -16.64 -0.96
C ALA C 79 3.37 -15.61 -1.89
N LYS C 80 4.68 -15.45 -1.77
CA LYS C 80 5.41 -14.51 -2.61
C LYS C 80 5.38 -14.96 -4.07
N ASP C 81 5.62 -16.25 -4.28
CA ASP C 81 5.61 -16.82 -5.63
C ASP C 81 4.21 -16.70 -6.23
N TRP C 82 3.20 -17.09 -5.46
CA TRP C 82 1.81 -17.04 -5.89
C TRP C 82 1.46 -15.65 -6.40
N ARG C 83 2.11 -14.65 -5.81
CA ARG C 83 1.87 -13.25 -6.13
C ARG C 83 2.68 -12.74 -7.33
N THR C 84 3.87 -13.29 -7.52
CA THR C 84 4.74 -12.86 -8.62
C THR C 84 4.72 -13.74 -9.87
N ASP C 85 4.84 -15.05 -9.67
CA ASP C 85 4.84 -16.00 -10.79
C ASP C 85 3.59 -15.87 -11.65
N ARG C 86 3.78 -15.65 -12.95
CA ARG C 86 2.67 -15.50 -13.88
C ARG C 86 1.80 -16.74 -14.00
N VAL C 87 2.38 -17.90 -13.72
CA VAL C 87 1.63 -19.14 -13.81
C VAL C 87 0.73 -19.30 -12.58
N LEU C 88 1.30 -19.18 -11.40
CA LEU C 88 0.53 -19.32 -10.16
C LEU C 88 -0.46 -18.18 -9.96
N ARG C 89 -0.12 -17.01 -10.48
CA ARG C 89 -0.97 -15.83 -10.35
C ARG C 89 -2.38 -16.03 -10.89
N ARG C 90 -2.56 -17.07 -11.70
CA ARG C 90 -3.86 -17.37 -12.29
C ARG C 90 -4.68 -18.30 -11.40
N LEU C 91 -4.01 -19.00 -10.49
CA LEU C 91 -4.66 -19.93 -9.56
C LEU C 91 -5.42 -19.14 -8.50
N GLU C 92 -6.67 -19.51 -8.25
CA GLU C 92 -7.49 -18.77 -7.29
C GLU C 92 -7.99 -19.51 -6.05
N ALA C 93 -7.53 -20.74 -5.82
CA ALA C 93 -7.97 -21.48 -4.65
C ALA C 93 -7.48 -20.80 -3.37
N LEU C 94 -8.11 -21.12 -2.24
CA LEU C 94 -7.71 -20.59 -0.95
C LEU C 94 -7.14 -21.79 -0.20
N LEU C 95 -5.97 -21.61 0.42
CA LEU C 95 -5.31 -22.72 1.11
C LEU C 95 -5.26 -22.64 2.64
N LEU C 96 -5.20 -23.80 3.28
CA LEU C 96 -5.11 -23.91 4.73
C LEU C 96 -4.13 -25.04 5.02
N VAL C 97 -2.97 -24.70 5.61
CA VAL C 97 -1.96 -25.72 5.92
C VAL C 97 -1.57 -25.66 7.40
N ALA C 98 -1.11 -26.79 7.92
CA ALA C 98 -0.71 -26.85 9.32
C ALA C 98 0.14 -28.07 9.67
N ASP C 99 0.94 -27.93 10.72
CA ASP C 99 1.74 -29.04 11.22
C ASP C 99 1.45 -29.07 12.72
N LYS C 100 2.31 -29.71 13.50
CA LYS C 100 2.07 -29.81 14.94
C LYS C 100 2.11 -28.49 15.69
N GLU C 101 2.85 -27.50 15.20
CA GLU C 101 2.95 -26.22 15.91
C GLU C 101 2.32 -25.00 15.25
N ASN C 102 2.17 -25.01 13.93
CA ASN C 102 1.61 -23.83 13.28
C ASN C 102 0.47 -24.09 12.30
N ILE C 103 -0.28 -23.03 12.04
CA ILE C 103 -1.40 -23.06 11.10
C ILE C 103 -1.31 -21.80 10.26
N PHE C 104 -1.51 -21.94 8.95
CA PHE C 104 -1.49 -20.79 8.07
C PHE C 104 -2.56 -20.81 7.00
N ILE C 105 -3.19 -19.65 6.81
CA ILE C 105 -4.17 -19.46 5.77
C ILE C 105 -3.33 -18.74 4.72
N ILE C 106 -3.34 -19.25 3.49
CA ILE C 106 -2.55 -18.62 2.42
C ILE C 106 -3.45 -18.30 1.22
N SER C 107 -3.35 -17.09 0.70
CA SER C 107 -4.17 -16.66 -0.44
C SER C 107 -3.32 -16.12 -1.60
N GLY C 108 -3.92 -16.04 -2.78
CA GLY C 108 -3.21 -15.54 -3.94
C GLY C 108 -3.03 -14.04 -3.89
N ASN C 109 -3.45 -13.43 -2.78
CA ASN C 109 -3.32 -12.00 -2.61
C ASN C 109 -2.15 -11.70 -1.69
N GLY C 110 -1.24 -12.67 -1.56
CA GLY C 110 -0.06 -12.51 -0.73
C GLY C 110 -0.36 -12.58 0.76
N GLU C 111 -1.49 -13.15 1.10
CA GLU C 111 -1.87 -13.25 2.50
C GLU C 111 -1.40 -14.55 3.14
N VAL C 112 -0.78 -14.43 4.31
CA VAL C 112 -0.29 -15.58 5.08
C VAL C 112 -0.74 -15.29 6.49
N ILE C 113 -1.84 -15.90 6.91
CA ILE C 113 -2.42 -15.62 8.20
C ILE C 113 -2.45 -16.79 9.18
N GLN C 114 -1.87 -16.59 10.36
CA GLN C 114 -1.90 -17.61 11.40
C GLN C 114 -2.75 -17.04 12.53
N PRO C 115 -3.98 -17.55 12.67
CA PRO C 115 -4.85 -17.05 13.74
C PRO C 115 -4.23 -17.28 15.11
N ASP C 116 -4.53 -16.40 16.05
CA ASP C 116 -4.00 -16.54 17.39
C ASP C 116 -4.99 -17.30 18.29
N ASP C 117 -5.23 -18.55 17.92
CA ASP C 117 -6.13 -19.45 18.65
C ASP C 117 -5.77 -20.85 18.15
N ASP C 118 -6.22 -21.90 18.83
CA ASP C 118 -5.88 -23.25 18.41
C ASP C 118 -6.83 -23.84 17.35
N ALA C 119 -7.51 -22.96 16.63
CA ALA C 119 -8.43 -23.38 15.57
C ALA C 119 -8.44 -22.35 14.45
N ALA C 120 -8.66 -22.81 13.23
CA ALA C 120 -8.72 -21.92 12.08
C ALA C 120 -9.54 -22.60 11.00
N ALA C 121 -10.12 -21.82 10.11
CA ALA C 121 -10.95 -22.38 9.05
C ALA C 121 -11.06 -21.46 7.81
N ILE C 122 -11.35 -22.06 6.67
CA ILE C 122 -11.54 -21.30 5.44
C ILE C 122 -12.77 -21.86 4.73
N GLY C 123 -13.19 -21.18 3.67
CA GLY C 123 -14.36 -21.61 2.94
C GLY C 123 -15.62 -20.90 3.40
N SER C 124 -16.68 -21.02 2.61
CA SER C 124 -17.94 -20.37 2.91
C SER C 124 -18.47 -20.69 4.31
N GLY C 125 -18.29 -21.93 4.75
CA GLY C 125 -18.78 -22.30 6.07
C GLY C 125 -17.73 -22.25 7.16
N GLY C 126 -16.54 -21.79 6.83
CA GLY C 126 -15.46 -21.71 7.80
C GLY C 126 -15.81 -21.07 9.13
N PRO C 127 -16.35 -19.85 9.12
CA PRO C 127 -16.71 -19.17 10.38
C PRO C 127 -17.67 -19.94 11.29
N TYR C 128 -18.54 -20.76 10.71
CA TYR C 128 -19.48 -21.53 11.51
C TYR C 128 -18.74 -22.68 12.19
N ALA C 129 -17.87 -23.35 11.43
CA ALA C 129 -17.10 -24.45 11.98
C ALA C 129 -16.17 -23.91 13.04
N LEU C 130 -15.66 -22.71 12.80
CA LEU C 130 -14.73 -22.07 13.72
C LEU C 130 -15.40 -21.69 15.04
N ALA C 131 -16.59 -21.09 14.96
CA ALA C 131 -17.31 -20.71 16.18
C ALA C 131 -17.60 -21.95 17.01
N ALA C 132 -18.02 -23.02 16.35
CA ALA C 132 -18.32 -24.28 17.04
C ALA C 132 -17.05 -24.88 17.67
N ALA C 133 -15.94 -24.83 16.95
CA ALA C 133 -14.68 -25.37 17.44
C ALA C 133 -14.18 -24.61 18.67
N LYS C 134 -14.28 -23.29 18.63
CA LYS C 134 -13.84 -22.46 19.75
C LYS C 134 -14.69 -22.77 20.98
N ALA C 135 -16.00 -22.89 20.78
CA ALA C 135 -16.89 -23.19 21.89
C ALA C 135 -16.52 -24.52 22.55
N LEU C 136 -16.23 -25.53 21.73
CA LEU C 136 -15.87 -26.85 22.25
C LEU C 136 -14.50 -26.89 22.93
N LEU C 137 -13.54 -26.18 22.35
CA LEU C 137 -12.18 -26.14 22.89
C LEU C 137 -12.15 -25.50 24.28
N ARG C 138 -12.98 -24.48 24.47
CA ARG C 138 -12.99 -23.73 25.72
C ARG C 138 -13.94 -24.27 26.78
N ASN C 139 -14.82 -25.20 26.40
CA ASN C 139 -15.78 -25.75 27.35
C ASN C 139 -15.81 -27.26 27.51
N THR C 140 -14.89 -27.96 26.86
CA THR C 140 -14.82 -29.41 27.00
C THR C 140 -13.37 -29.83 26.93
N ASP C 141 -13.10 -31.09 27.22
CA ASP C 141 -11.76 -31.63 27.14
C ASP C 141 -11.68 -32.55 25.93
N LEU C 142 -12.63 -32.41 25.01
CA LEU C 142 -12.65 -33.23 23.79
C LEU C 142 -11.36 -33.04 22.99
N SER C 143 -10.93 -34.10 22.31
CA SER C 143 -9.71 -34.06 21.51
C SER C 143 -9.90 -33.22 20.26
N ALA C 144 -8.79 -32.93 19.59
CA ALA C 144 -8.81 -32.15 18.35
C ALA C 144 -9.66 -32.86 17.29
N ARG C 145 -9.57 -34.19 17.25
CA ARG C 145 -10.34 -34.97 16.26
C ARG C 145 -11.83 -34.94 16.55
N GLU C 146 -12.20 -35.12 17.81
CA GLU C 146 -13.59 -35.09 18.21
C GLU C 146 -14.22 -33.73 17.90
N ILE C 147 -13.49 -32.66 18.23
CA ILE C 147 -13.98 -31.31 17.97
C ILE C 147 -14.18 -31.05 16.49
N VAL C 148 -13.21 -31.44 15.67
CA VAL C 148 -13.35 -31.25 14.23
C VAL C 148 -14.61 -31.95 13.72
N GLU C 149 -14.81 -33.19 14.15
CA GLU C 149 -15.98 -33.97 13.72
C GLU C 149 -17.27 -33.25 14.08
N LYS C 150 -17.38 -32.80 15.32
CA LYS C 150 -18.58 -32.13 15.80
C LYS C 150 -18.79 -30.73 15.20
N ALA C 151 -17.70 -30.00 14.99
CA ALA C 151 -17.81 -28.65 14.43
C ALA C 151 -18.20 -28.69 12.95
N MET C 152 -17.61 -29.61 12.20
CA MET C 152 -17.89 -29.73 10.77
C MET C 152 -19.34 -30.09 10.52
N THR C 153 -19.89 -30.96 11.37
CA THR C 153 -21.29 -31.37 11.24
C THR C 153 -22.20 -30.16 11.35
N ILE C 154 -21.89 -29.29 12.30
CA ILE C 154 -22.68 -28.08 12.51
C ILE C 154 -22.56 -27.12 11.34
N ALA C 155 -21.35 -26.95 10.82
CA ALA C 155 -21.16 -26.05 9.69
C ALA C 155 -21.96 -26.55 8.48
N GLY C 156 -21.93 -27.86 8.27
CA GLY C 156 -22.66 -28.44 7.15
C GLY C 156 -24.17 -28.28 7.30
N GLU C 157 -24.62 -28.18 8.54
CA GLU C 157 -26.05 -28.03 8.82
C GLU C 157 -26.53 -26.62 8.51
N ILE C 158 -25.69 -25.63 8.78
CA ILE C 158 -26.04 -24.23 8.58
C ILE C 158 -25.79 -23.68 7.18
N CYS C 159 -24.63 -24.00 6.59
CA CYS C 159 -24.26 -23.49 5.28
C CYS C 159 -24.80 -24.34 4.12
N ILE C 160 -25.47 -23.70 3.18
CA ILE C 160 -26.02 -24.40 2.02
C ILE C 160 -24.90 -24.86 1.08
N TYR C 161 -23.70 -24.32 1.27
CA TYR C 161 -22.56 -24.67 0.43
C TYR C 161 -21.64 -25.71 1.05
N THR C 162 -22.00 -26.21 2.22
CA THR C 162 -21.20 -27.22 2.91
C THR C 162 -22.08 -28.41 3.28
N ASN C 163 -21.59 -29.64 3.09
CA ASN C 163 -22.39 -30.80 3.46
C ASN C 163 -21.81 -31.57 4.65
N GLN C 164 -22.38 -32.74 4.91
CA GLN C 164 -21.98 -33.56 6.06
C GLN C 164 -20.97 -34.67 5.75
N ASN C 165 -20.48 -34.74 4.52
CA ASN C 165 -19.51 -35.77 4.16
C ASN C 165 -18.13 -35.20 4.44
N ILE C 166 -17.57 -35.59 5.57
CA ILE C 166 -16.28 -35.07 6.01
C ILE C 166 -15.09 -36.02 5.92
N VAL C 167 -13.97 -35.49 5.43
CA VAL C 167 -12.73 -36.23 5.32
C VAL C 167 -11.83 -35.63 6.41
N ILE C 168 -11.18 -36.49 7.19
CA ILE C 168 -10.30 -36.02 8.24
C ILE C 168 -8.88 -36.60 8.18
N GLU C 169 -7.90 -35.74 8.35
CA GLU C 169 -6.50 -36.14 8.35
C GLU C 169 -5.87 -35.61 9.64
N GLU C 170 -4.85 -36.28 10.13
CA GLU C 170 -4.24 -35.89 11.39
C GLU C 170 -2.71 -36.06 11.43
N VAL C 171 -2.04 -35.21 12.20
CA VAL C 171 -0.59 -35.25 12.37
C VAL C 171 -0.22 -34.95 13.83
#